data_6XTD
#
_entry.id   6XTD
#
_cell.length_a   39.655
_cell.length_b   44.108
_cell.length_c   46.807
_cell.angle_alpha   101.202
_cell.angle_beta   96.126
_cell.angle_gamma   114.149
#
_symmetry.space_group_name_H-M   'P 1'
#
loop_
_entity.id
_entity.type
_entity.pdbx_description
1 polymer 'Putative deoxyribonuclease RhsA'
2 polymer 'Secreted protein'
3 non-polymer 'BROMIDE ION'
4 non-polymer 2-[BIS-(2-HYDROXY-ETHYL)-AMINO]-2-HYDROXYMETHYL-PROPANE-1,3-DIOL
5 water water
#
loop_
_entity_poly.entity_id
_entity_poly.type
_entity_poly.pdbx_seq_one_letter_code
_entity_poly.pdbx_strand_id
1 'polypeptide(L)'
;MGSSHHHHHHSQDPKPRCAATKANDHNQAAFGRQWQGRGIYKGRDSWSNIMLKEGDIVYGGAPGQSGFYFNKATLDAAGG
SRAKLWESLQVLPHEKFGYRSKIQAYRVKRETIAGTGKAISQDPTRFGEGGGTQFFLSNYKTVLEPIDKPFEIGL
;
A
2 'polypeptide(L)'
;MMQLDTYDGTLELAGITLGTATTREMLIKGSRLWEGWPEKSDGRTTSYRTIISTKKEKAGDIYIIADFSGAFITDAVLCS
WRFAPEKLMMGIQKKVEGAITKNLRTWFYEKTHIQLPVSGSWGHIDAAYDPHNLTGTIVCNYRSAFHTEDEWRKYCKRNN
IIY
;
B
#
loop_
_chem_comp.id
_chem_comp.type
_chem_comp.name
_chem_comp.formula
BR non-polymer 'BROMIDE ION' 'Br -1'
BTB non-polymer 2-[BIS-(2-HYDROXY-ETHYL)-AMINO]-2-HYDROXYMETHYL-PROPANE-1,3-DIOL 'C8 H19 N O5'
#
# COMPACT_ATOMS: atom_id res chain seq x y z
N ASN A 24 -23.25 10.42 -3.22
CA ASN A 24 -24.69 10.65 -2.96
C ASN A 24 -24.86 10.81 -1.43
N ASP A 25 -25.56 9.83 -0.80
CA ASP A 25 -25.88 9.78 0.66
C ASP A 25 -25.54 8.36 1.20
N HIS A 26 -24.27 7.98 1.11
CA HIS A 26 -23.75 6.81 1.81
C HIS A 26 -22.67 7.23 2.81
N ASN A 27 -22.36 6.31 3.70
CA ASN A 27 -21.44 6.57 4.80
C ASN A 27 -20.00 6.45 4.32
N GLN A 28 -19.58 7.54 3.67
CA GLN A 28 -18.25 7.55 3.05
C GLN A 28 -17.12 7.49 4.07
N ALA A 29 -17.35 8.05 5.28
CA ALA A 29 -16.33 7.96 6.32
C ALA A 29 -16.06 6.48 6.64
N ALA A 30 -17.12 5.70 6.77
CA ALA A 30 -16.97 4.30 7.10
C ALA A 30 -16.27 3.53 5.98
N PHE A 31 -16.50 3.94 4.76
CA PHE A 31 -15.86 3.32 3.58
C PHE A 31 -14.35 3.63 3.57
N GLY A 32 -13.98 4.85 3.88
CA GLY A 32 -12.56 5.18 3.95
C GLY A 32 -11.91 4.42 5.07
N ARG A 33 -12.57 4.34 6.23
CA ARG A 33 -12.02 3.63 7.38
C ARG A 33 -11.83 2.14 7.09
N GLN A 34 -12.77 1.57 6.35
CA GLN A 34 -12.76 0.12 6.04
C GLN A 34 -11.53 -0.31 5.24
N TRP A 35 -10.95 0.64 4.50
CA TRP A 35 -9.76 0.33 3.71
C TRP A 35 -8.50 0.38 4.55
N GLN A 36 -8.59 0.65 5.84
CA GLN A 36 -7.43 0.64 6.73
C GLN A 36 -7.55 -0.43 7.79
N GLY A 37 -6.44 -0.73 8.45
CA GLY A 37 -6.44 -1.67 9.59
C GLY A 37 -6.04 -3.09 9.24
N ARG A 38 -5.72 -3.35 7.97
CA ARG A 38 -5.22 -4.65 7.47
C ARG A 38 -4.35 -4.36 6.25
N GLY A 39 -3.62 -5.36 5.83
CA GLY A 39 -2.84 -5.23 4.60
C GLY A 39 -1.83 -4.11 4.76
N ILE A 40 -1.66 -3.40 3.67
CA ILE A 40 -0.64 -2.38 3.62
C ILE A 40 -0.92 -1.29 4.62
N TYR A 41 -2.11 -0.71 4.53
CA TYR A 41 -2.44 0.51 5.28
C TYR A 41 -3.00 0.13 6.67
N LYS A 42 -2.16 -0.42 7.51
CA LYS A 42 -2.67 -0.97 8.77
C LYS A 42 -3.02 0.09 9.78
N GLY A 43 -2.54 1.30 9.61
CA GLY A 43 -2.93 2.37 10.53
C GLY A 43 -4.30 2.90 10.23
N ARG A 44 -5.04 3.26 11.26
N ARG A 44 -5.03 3.27 11.27
CA ARG A 44 -6.44 3.74 11.07
CA ARG A 44 -6.41 3.74 11.12
C ARG A 44 -6.52 5.23 11.37
C ARG A 44 -6.51 5.23 11.38
N ASP A 45 -6.78 6.00 10.32
CA ASP A 45 -7.03 7.44 10.47
C ASP A 45 -8.42 7.64 11.07
N SER A 46 -8.64 8.87 11.48
CA SER A 46 -9.95 9.37 11.92
C SER A 46 -10.70 9.93 10.74
N TRP A 47 -11.84 9.36 10.45
CA TRP A 47 -12.69 9.66 9.29
C TRP A 47 -14.04 10.29 9.74
N SER A 48 -14.48 11.34 9.11
CA SER A 48 -15.78 11.93 9.36
C SER A 48 -16.48 12.23 8.06
N ASN A 49 -17.78 12.32 8.06
CA ASN A 49 -18.54 12.69 6.87
C ASN A 49 -18.68 14.19 6.77
N ILE A 50 -18.45 14.70 5.60
CA ILE A 50 -18.73 16.13 5.28
C ILE A 50 -19.55 16.21 4.00
N MET A 51 -20.32 17.25 3.84
CA MET A 51 -21.08 17.45 2.60
C MET A 51 -20.23 18.37 1.71
N LEU A 52 -19.76 17.83 0.60
CA LEU A 52 -19.11 18.67 -0.40
C LEU A 52 -20.20 19.40 -1.15
N LYS A 53 -19.90 20.62 -1.54
CA LYS A 53 -20.86 21.45 -2.26
C LYS A 53 -20.66 21.32 -3.78
N GLU A 54 -21.75 21.45 -4.50
CA GLU A 54 -21.72 21.57 -5.96
C GLU A 54 -20.71 22.65 -6.37
N GLY A 55 -19.83 22.28 -7.29
CA GLY A 55 -18.81 23.21 -7.75
C GLY A 55 -17.53 23.14 -6.95
N ASP A 56 -17.47 22.43 -5.82
CA ASP A 56 -16.20 22.25 -5.09
C ASP A 56 -15.15 21.56 -5.97
N ILE A 57 -13.91 21.88 -5.77
CA ILE A 57 -12.80 21.28 -6.55
C ILE A 57 -11.99 20.43 -5.60
N VAL A 58 -11.73 19.22 -6.03
CA VAL A 58 -10.79 18.31 -5.35
C VAL A 58 -9.76 17.82 -6.36
N TYR A 59 -8.73 17.17 -5.90
CA TYR A 59 -7.60 16.75 -6.76
C TYR A 59 -7.29 15.25 -6.53
N GLY A 60 -6.88 14.59 -7.59
CA GLY A 60 -6.44 13.23 -7.53
C GLY A 60 -5.29 12.95 -8.45
N GLY A 61 -4.59 11.88 -8.19
CA GLY A 61 -3.51 11.46 -9.08
C GLY A 61 -4.01 10.85 -10.37
N ALA A 62 -3.19 10.95 -11.38
CA ALA A 62 -3.52 10.34 -12.66
C ALA A 62 -2.28 9.68 -13.23
N PRO A 63 -2.42 8.64 -14.04
CA PRO A 63 -3.66 7.88 -14.23
C PRO A 63 -4.06 7.12 -12.96
N GLY A 64 -5.11 6.29 -13.09
CA GLY A 64 -5.56 5.42 -11.98
C GLY A 64 -6.43 6.18 -11.04
N GLN A 65 -7.49 6.78 -11.52
CA GLN A 65 -8.49 7.42 -10.66
C GLN A 65 -9.10 6.39 -9.73
N SER A 66 -9.28 6.80 -8.48
CA SER A 66 -9.80 5.93 -7.40
C SER A 66 -10.85 6.72 -6.62
N GLY A 67 -11.22 6.15 -5.48
CA GLY A 67 -12.10 6.92 -4.59
C GLY A 67 -11.42 7.98 -3.75
N PHE A 68 -10.10 8.12 -3.86
CA PHE A 68 -9.31 8.98 -2.97
C PHE A 68 -8.86 10.26 -3.63
N TYR A 69 -9.09 11.37 -2.95
CA TYR A 69 -8.79 12.73 -3.42
C TYR A 69 -8.14 13.52 -2.29
N PHE A 70 -7.72 14.74 -2.61
CA PHE A 70 -7.10 15.65 -1.63
C PHE A 70 -7.51 17.08 -2.01
N ASN A 71 -7.20 18.01 -1.14
CA ASN A 71 -7.61 19.42 -1.34
C ASN A 71 -6.46 20.26 -1.89
N LYS A 72 -6.81 21.45 -2.29
CA LYS A 72 -5.83 22.41 -2.83
C LYS A 72 -4.74 22.69 -1.81
N ALA A 73 -5.11 22.86 -0.54
CA ALA A 73 -4.07 23.16 0.47
C ALA A 73 -2.99 22.09 0.47
N THR A 74 -3.39 20.82 0.41
CA THR A 74 -2.45 19.69 0.41
C THR A 74 -1.60 19.75 -0.87
N LEU A 75 -2.25 20.01 -1.97
CA LEU A 75 -1.48 20.09 -3.27
C LEU A 75 -0.40 21.22 -3.16
N ASP A 76 -0.84 22.39 -2.72
CA ASP A 76 0.08 23.55 -2.63
C ASP A 76 1.24 23.24 -1.67
N ALA A 77 0.98 22.58 -0.55
CA ALA A 77 2.03 22.30 0.46
C ALA A 77 3.13 21.44 -0.14
N ALA A 78 2.83 20.63 -1.16
CA ALA A 78 3.86 19.75 -1.79
C ALA A 78 4.90 20.52 -2.60
N GLY A 79 4.61 21.75 -2.97
CA GLY A 79 5.56 22.61 -3.69
C GLY A 79 6.04 21.96 -4.99
N GLY A 80 5.17 21.29 -5.73
CA GLY A 80 5.56 20.71 -7.03
C GLY A 80 6.43 19.47 -6.90
N SER A 81 6.45 18.80 -5.75
CA SER A 81 7.24 17.55 -5.55
C SER A 81 6.28 16.37 -5.35
N ARG A 82 6.35 15.40 -6.23
CA ARG A 82 5.47 14.20 -6.06
C ARG A 82 5.83 13.46 -4.76
N ALA A 83 7.10 13.33 -4.42
CA ALA A 83 7.42 12.62 -3.15
C ALA A 83 6.83 13.36 -1.99
N LYS A 84 6.93 14.67 -1.93
CA LYS A 84 6.33 15.46 -0.84
CA LYS A 84 6.32 15.44 -0.82
C LYS A 84 4.80 15.26 -0.83
N LEU A 85 4.18 15.26 -1.97
CA LEU A 85 2.72 15.11 -2.04
C LEU A 85 2.31 13.75 -1.50
N TRP A 86 2.87 12.68 -2.06
CA TRP A 86 2.39 11.35 -1.67
C TRP A 86 2.86 11.01 -0.25
N GLU A 87 3.97 11.51 0.22
CA GLU A 87 4.30 11.34 1.60
C GLU A 87 3.31 12.06 2.51
N SER A 88 2.83 13.21 2.11
CA SER A 88 1.84 13.94 2.94
C SER A 88 0.50 13.19 3.01
N LEU A 89 0.21 12.35 2.04
CA LEU A 89 -1.05 11.58 1.96
C LEU A 89 -0.79 10.14 2.40
N GLN A 90 0.42 9.79 2.74
CA GLN A 90 0.81 8.41 3.13
C GLN A 90 0.37 7.38 2.08
N VAL A 91 0.63 7.69 0.82
CA VAL A 91 0.33 6.78 -0.29
C VAL A 91 1.65 6.21 -0.77
N LEU A 92 1.74 4.91 -0.91
CA LEU A 92 2.99 4.28 -1.36
C LEU A 92 3.11 4.42 -2.89
N PRO A 93 4.36 4.41 -3.40
CA PRO A 93 4.49 4.28 -4.85
C PRO A 93 3.89 2.99 -5.40
N HIS A 94 3.16 3.12 -6.50
CA HIS A 94 2.54 1.99 -7.16
C HIS A 94 3.56 0.89 -7.42
N GLU A 95 3.21 -0.36 -7.20
CA GLU A 95 4.19 -1.45 -7.30
C GLU A 95 4.87 -1.48 -8.69
N LYS A 96 4.11 -1.16 -9.73
CA LYS A 96 4.65 -1.16 -11.13
C LYS A 96 5.10 0.24 -11.55
N PHE A 97 4.23 1.21 -11.38
CA PHE A 97 4.42 2.52 -12.01
C PHE A 97 5.14 3.54 -11.13
N GLY A 98 5.28 3.30 -9.83
CA GLY A 98 5.85 4.26 -8.89
C GLY A 98 4.86 5.35 -8.56
N TYR A 99 5.39 6.39 -7.93
CA TYR A 99 4.57 7.59 -7.62
C TYR A 99 3.96 8.12 -8.91
N ARG A 100 2.71 8.54 -8.86
CA ARG A 100 2.06 9.29 -9.97
C ARG A 100 2.66 10.67 -10.08
N SER A 101 2.83 11.07 -11.34
CA SER A 101 3.49 12.34 -11.68
C SER A 101 2.52 13.36 -12.28
N LYS A 102 1.27 13.06 -12.41
CA LYS A 102 0.22 13.90 -12.98
C LYS A 102 -0.90 14.02 -11.96
N ILE A 103 -1.47 15.21 -11.91
CA ILE A 103 -2.57 15.55 -11.00
C ILE A 103 -3.76 16.00 -11.83
N GLN A 104 -4.95 15.50 -11.54
CA GLN A 104 -6.19 15.95 -12.17
C GLN A 104 -7.03 16.70 -11.15
N ALA A 105 -7.52 17.84 -11.54
CA ALA A 105 -8.56 18.54 -10.80
C ALA A 105 -9.93 17.98 -11.17
N TYR A 106 -10.83 17.90 -10.18
CA TYR A 106 -12.20 17.44 -10.41
C TYR A 106 -13.17 18.42 -9.76
N ARG A 107 -14.33 18.51 -10.33
CA ARG A 107 -15.37 19.38 -9.86
C ARG A 107 -16.56 18.53 -9.40
N VAL A 108 -17.08 18.84 -8.21
CA VAL A 108 -18.24 18.09 -7.64
C VAL A 108 -19.53 18.49 -8.38
N LYS A 109 -20.24 17.51 -8.94
CA LYS A 109 -21.41 17.76 -9.81
C LYS A 109 -22.66 18.07 -9.06
N ARG A 110 -22.68 17.64 -7.83
CA ARG A 110 -23.85 17.86 -6.95
C ARG A 110 -23.43 17.66 -5.52
N GLU A 111 -24.21 18.24 -4.60
CA GLU A 111 -23.92 18.10 -3.17
C GLU A 111 -23.79 16.59 -2.89
N THR A 112 -22.75 16.22 -2.20
CA THR A 112 -22.48 14.79 -2.00
C THR A 112 -21.71 14.64 -0.69
N ILE A 113 -21.88 13.48 -0.06
CA ILE A 113 -21.10 13.18 1.16
C ILE A 113 -19.69 12.70 0.79
N ALA A 114 -18.68 13.17 1.46
CA ALA A 114 -17.33 12.58 1.36
C ALA A 114 -16.88 12.20 2.75
N GLY A 115 -16.04 11.17 2.81
CA GLY A 115 -15.31 10.89 4.03
C GLY A 115 -14.04 11.69 4.03
N THR A 116 -13.66 12.25 5.14
CA THR A 116 -12.46 13.07 5.18
C THR A 116 -11.72 12.96 6.49
N GLY A 117 -10.46 13.33 6.45
CA GLY A 117 -9.61 13.55 7.60
C GLY A 117 -8.18 13.67 7.18
N LYS A 118 -7.32 13.56 8.16
CA LYS A 118 -5.88 13.70 7.96
C LYS A 118 -5.21 12.36 7.78
N ALA A 119 -4.34 12.26 6.78
CA ALA A 119 -3.60 11.03 6.55
C ALA A 119 -2.35 11.01 7.44
N ILE A 120 -2.48 10.42 8.63
CA ILE A 120 -1.40 10.54 9.65
C ILE A 120 -1.05 9.23 10.33
N SER A 121 -1.85 8.21 10.21
CA SER A 121 -1.77 7.04 11.11
CA SER A 121 -1.75 7.05 11.11
C SER A 121 -0.79 5.97 10.58
N GLN A 122 -0.24 6.14 9.35
CA GLN A 122 0.69 5.07 8.89
C GLN A 122 2.08 5.32 9.48
N ASP A 123 2.92 4.32 9.39
CA ASP A 123 4.36 4.33 9.78
CA ASP A 123 4.33 4.37 9.80
C ASP A 123 5.08 5.42 9.01
N PRO A 124 5.67 6.44 9.65
CA PRO A 124 6.26 7.53 8.87
C PRO A 124 7.51 7.14 8.08
N THR A 125 8.29 6.16 8.52
CA THR A 125 9.50 5.72 7.79
C THR A 125 9.10 5.19 6.42
N ARG A 126 8.06 4.40 6.41
CA ARG A 126 7.65 3.71 5.17
C ARG A 126 6.76 4.57 4.32
N PHE A 127 5.88 5.34 4.93
CA PHE A 127 4.77 5.99 4.20
C PHE A 127 4.95 7.48 4.01
N GLY A 128 5.84 8.09 4.77
CA GLY A 128 5.89 9.55 4.85
C GLY A 128 5.23 10.08 6.11
N GLU A 129 5.56 11.29 6.50
CA GLU A 129 5.09 11.83 7.79
C GLU A 129 3.61 12.19 7.70
N GLY A 130 3.03 12.26 6.53
CA GLY A 130 1.60 12.56 6.42
C GLY A 130 1.22 13.97 6.70
N GLY A 131 -0.01 14.14 7.12
CA GLY A 131 -0.57 15.47 7.48
C GLY A 131 -1.49 16.09 6.42
N GLY A 132 -1.54 15.50 5.25
CA GLY A 132 -2.43 15.96 4.19
C GLY A 132 -3.87 15.64 4.47
N THR A 133 -4.76 16.38 3.84
CA THR A 133 -6.20 16.17 3.91
C THR A 133 -6.67 15.32 2.77
N GLN A 134 -7.29 14.21 3.13
CA GLN A 134 -7.80 13.20 2.20
C GLN A 134 -9.32 13.27 2.16
N PHE A 135 -9.87 12.86 1.03
CA PHE A 135 -11.32 12.62 0.84
C PHE A 135 -11.50 11.24 0.26
N PHE A 136 -12.57 10.56 0.64
CA PHE A 136 -13.00 9.31 0.00
C PHE A 136 -14.41 9.44 -0.48
N LEU A 137 -14.62 9.10 -1.74
CA LEU A 137 -15.97 9.07 -2.37
C LEU A 137 -16.11 7.82 -3.21
N SER A 138 -16.89 6.84 -2.76
CA SER A 138 -17.11 5.62 -3.53
C SER A 138 -17.80 5.93 -4.86
N ASN A 139 -18.59 6.98 -4.92
CA ASN A 139 -19.38 7.34 -6.12
C ASN A 139 -18.60 8.34 -7.00
N TYR A 140 -17.29 8.30 -6.95
CA TYR A 140 -16.42 9.23 -7.70
C TYR A 140 -16.74 9.18 -9.20
N LYS A 141 -17.11 8.03 -9.78
CA LYS A 141 -17.23 7.92 -11.26
C LYS A 141 -18.40 8.80 -11.73
N THR A 142 -19.41 8.95 -10.92
CA THR A 142 -20.67 9.62 -11.30
C THR A 142 -20.77 11.04 -10.74
N VAL A 143 -20.10 11.33 -9.62
CA VAL A 143 -20.28 12.63 -8.94
C VAL A 143 -19.17 13.63 -9.25
N LEU A 144 -18.04 13.19 -9.75
CA LEU A 144 -16.92 14.11 -10.04
C LEU A 144 -16.70 14.22 -11.52
N GLU A 145 -16.55 15.47 -11.97
CA GLU A 145 -16.21 15.76 -13.39
C GLU A 145 -14.78 16.24 -13.47
N PRO A 146 -13.90 15.59 -14.24
CA PRO A 146 -12.59 16.17 -14.46
C PRO A 146 -12.72 17.55 -15.06
N ILE A 147 -11.85 18.47 -14.60
CA ILE A 147 -11.80 19.85 -15.19
C ILE A 147 -10.34 20.13 -15.47
N ASP A 148 -10.15 20.70 -16.65
CA ASP A 148 -8.88 21.17 -17.23
C ASP A 148 -7.94 19.99 -17.51
N LYS A 149 -6.79 20.31 -18.06
CA LYS A 149 -5.76 19.31 -18.40
C LYS A 149 -5.11 18.82 -17.12
N PRO A 150 -4.50 17.63 -17.18
CA PRO A 150 -3.74 17.15 -16.08
C PRO A 150 -2.56 18.05 -15.98
N PHE A 151 -2.03 18.14 -14.81
CA PHE A 151 -0.73 18.81 -14.78
C PHE A 151 0.33 18.03 -14.03
N GLU A 152 1.49 18.32 -14.47
CA GLU A 152 2.65 17.53 -14.13
C GLU A 152 3.14 18.05 -12.80
N ILE A 153 3.71 17.15 -12.05
CA ILE A 153 4.48 17.56 -10.88
CA ILE A 153 4.42 17.46 -10.79
C ILE A 153 5.83 16.89 -10.94
N GLY A 154 6.80 17.55 -10.35
CA GLY A 154 8.20 17.07 -10.37
C GLY A 154 8.52 16.01 -9.36
N LEU A 155 9.78 15.70 -9.21
CA LEU A 155 10.20 14.62 -8.28
C LEU A 155 9.84 14.94 -6.81
N MET B 1 9.77 -24.13 -6.44
CA MET B 1 10.35 -22.74 -6.37
C MET B 1 9.72 -22.03 -5.16
N MET B 2 8.38 -21.97 -5.01
CA MET B 2 7.80 -21.07 -3.99
C MET B 2 7.34 -21.88 -2.78
N GLN B 3 7.76 -21.46 -1.59
CA GLN B 3 7.24 -22.08 -0.36
C GLN B 3 7.12 -21.04 0.70
N LEU B 4 6.25 -21.35 1.62
CA LEU B 4 6.05 -20.48 2.74
C LEU B 4 6.00 -21.37 3.98
N ASP B 5 6.88 -21.10 4.92
CA ASP B 5 6.88 -21.73 6.24
C ASP B 5 5.83 -21.04 7.13
N THR B 6 4.75 -21.76 7.43
CA THR B 6 3.58 -21.18 8.13
C THR B 6 3.82 -21.18 9.65
N TYR B 7 4.91 -21.72 10.14
CA TYR B 7 5.23 -21.70 11.58
C TYR B 7 6.03 -20.44 11.91
N ASP B 8 6.84 -19.95 10.96
CA ASP B 8 7.70 -18.76 11.24
C ASP B 8 7.61 -17.65 10.21
N GLY B 9 6.79 -17.77 9.17
CA GLY B 9 6.53 -16.68 8.26
C GLY B 9 7.54 -16.54 7.12
N THR B 10 8.47 -17.47 6.97
CA THR B 10 9.53 -17.30 5.93
C THR B 10 9.10 -17.76 4.53
N LEU B 11 9.20 -16.83 3.61
CA LEU B 11 8.92 -17.06 2.18
C LEU B 11 10.21 -17.31 1.43
N GLU B 12 10.20 -18.35 0.60
CA GLU B 12 11.30 -18.57 -0.36
C GLU B 12 10.72 -18.53 -1.75
N LEU B 13 11.28 -17.70 -2.63
CA LEU B 13 10.95 -17.79 -4.06
C LEU B 13 12.10 -17.27 -4.90
N ALA B 14 12.33 -17.90 -6.06
CA ALA B 14 13.34 -17.50 -7.05
C ALA B 14 14.71 -17.30 -6.38
N GLY B 15 15.01 -18.14 -5.39
CA GLY B 15 16.27 -18.09 -4.64
C GLY B 15 16.35 -16.94 -3.65
N ILE B 16 15.29 -16.17 -3.44
CA ILE B 16 15.24 -15.08 -2.45
C ILE B 16 14.59 -15.65 -1.18
N THR B 17 15.07 -15.27 -0.02
CA THR B 17 14.47 -15.64 1.27
C THR B 17 14.01 -14.36 1.93
N LEU B 18 12.76 -14.33 2.34
CA LEU B 18 12.14 -13.23 3.07
C LEU B 18 11.61 -13.79 4.38
N GLY B 19 12.32 -13.50 5.47
CA GLY B 19 11.85 -13.91 6.78
C GLY B 19 12.10 -12.86 7.83
N THR B 20 11.71 -13.20 9.05
CA THR B 20 11.78 -12.21 10.14
C THR B 20 13.21 -11.84 10.53
N ALA B 21 14.20 -12.70 10.24
CA ALA B 21 15.60 -12.43 10.58
C ALA B 21 16.38 -11.95 9.37
N THR B 22 15.72 -11.73 8.23
CA THR B 22 16.37 -11.27 6.99
C THR B 22 16.81 -9.85 7.22
N THR B 23 18.05 -9.58 6.90
CA THR B 23 18.60 -8.25 7.00
C THR B 23 18.77 -7.67 5.62
N ARG B 24 19.05 -6.41 5.65
CA ARG B 24 19.34 -5.73 4.39
C ARG B 24 20.49 -6.44 3.65
N GLU B 25 21.59 -6.73 4.34
CA GLU B 25 22.76 -7.38 3.72
CA GLU B 25 22.75 -7.34 3.64
C GLU B 25 22.43 -8.77 3.16
N MET B 26 21.51 -9.48 3.79
CA MET B 26 21.11 -10.81 3.33
C MET B 26 20.25 -10.76 2.08
N LEU B 27 19.40 -9.78 1.96
CA LEU B 27 18.40 -9.73 0.89
C LEU B 27 18.99 -9.02 -0.33
N ILE B 28 19.57 -7.82 -0.11
CA ILE B 28 19.90 -6.83 -1.16
C ILE B 28 21.29 -7.24 -1.67
N LYS B 29 21.31 -8.25 -2.53
CA LYS B 29 22.53 -8.91 -3.07
C LYS B 29 22.29 -9.63 -4.41
N GLY B 30 23.39 -10.12 -5.01
CA GLY B 30 23.46 -10.91 -6.26
C GLY B 30 23.30 -10.03 -7.50
N SER B 31 23.07 -10.63 -8.68
CA SER B 31 23.01 -9.90 -9.99
C SER B 31 21.69 -9.16 -10.11
N ARG B 32 20.77 -9.56 -9.23
CA ARG B 32 19.39 -9.07 -9.10
C ARG B 32 19.34 -7.56 -8.94
N LEU B 33 18.58 -6.88 -9.79
CA LEU B 33 18.35 -5.43 -9.58
C LEU B 33 17.37 -5.28 -8.43
N TRP B 34 17.82 -4.69 -7.37
CA TRP B 34 16.99 -4.17 -6.29
C TRP B 34 17.06 -2.64 -6.43
N GLU B 35 15.94 -2.02 -6.42
CA GLU B 35 15.91 -0.58 -6.50
C GLU B 35 15.19 0.03 -5.32
N GLY B 36 15.58 1.20 -4.93
CA GLY B 36 14.82 1.90 -3.88
C GLY B 36 13.42 2.16 -4.39
N TRP B 37 12.41 2.00 -3.54
CA TRP B 37 11.02 2.09 -3.98
C TRP B 37 10.20 2.55 -2.81
N PRO B 38 10.26 3.83 -2.44
CA PRO B 38 10.95 4.90 -3.15
C PRO B 38 12.41 5.06 -2.75
N GLU B 39 13.17 5.62 -3.65
CA GLU B 39 14.53 6.11 -3.37
C GLU B 39 14.39 7.30 -2.43
N LYS B 40 15.27 7.40 -1.49
CA LYS B 40 15.49 8.65 -0.79
C LYS B 40 16.94 9.14 -1.11
N SER B 41 17.17 10.33 -1.60
CA SER B 41 18.49 10.86 -2.06
C SER B 41 19.47 11.02 -0.91
N ASP B 42 19.00 11.11 0.33
CA ASP B 42 19.91 11.24 1.50
C ASP B 42 20.41 9.85 1.89
N GLY B 43 20.03 8.86 1.10
CA GLY B 43 20.47 7.47 1.31
C GLY B 43 19.63 6.73 2.31
N ARG B 44 18.57 7.35 2.88
CA ARG B 44 17.72 6.72 3.93
C ARG B 44 16.71 5.72 3.35
N THR B 45 16.91 5.19 2.17
CA THR B 45 16.01 4.20 1.58
C THR B 45 15.78 3.03 2.56
N THR B 46 14.49 2.68 2.69
CA THR B 46 14.06 1.56 3.52
C THR B 46 13.18 0.54 2.79
N SER B 47 12.61 0.87 1.63
CA SER B 47 11.81 -0.07 0.84
C SER B 47 12.47 -0.28 -0.49
N TYR B 48 12.44 -1.50 -0.97
CA TYR B 48 13.12 -1.91 -2.21
C TYR B 48 12.23 -2.77 -3.05
N ARG B 49 12.34 -2.64 -4.39
CA ARG B 49 11.59 -3.44 -5.33
C ARG B 49 12.54 -4.33 -6.13
N THR B 50 12.16 -5.57 -6.39
CA THR B 50 12.74 -6.39 -7.44
C THR B 50 11.63 -6.98 -8.26
N ILE B 51 11.96 -7.29 -9.52
CA ILE B 51 11.02 -7.92 -10.45
C ILE B 51 11.64 -9.25 -10.88
N ILE B 52 10.98 -10.35 -10.60
CA ILE B 52 11.41 -11.69 -11.08
CA ILE B 52 11.40 -11.68 -11.09
C ILE B 52 10.85 -11.91 -12.48
N SER B 53 11.73 -12.06 -13.43
CA SER B 53 11.43 -12.48 -14.81
C SER B 53 11.61 -14.00 -15.02
N THR B 54 10.78 -14.83 -14.43
CA THR B 54 10.82 -16.32 -14.61
C THR B 54 10.24 -16.67 -16.00
N LYS B 55 10.84 -17.62 -16.70
CA LYS B 55 10.30 -18.05 -18.02
C LYS B 55 9.41 -19.26 -17.76
N LYS B 56 8.92 -19.50 -16.55
CA LYS B 56 7.97 -20.64 -16.34
C LYS B 56 6.70 -20.17 -15.60
N GLU B 57 6.53 -18.91 -15.30
CA GLU B 57 5.34 -18.49 -14.52
C GLU B 57 4.20 -17.97 -15.40
N LYS B 58 3.11 -18.71 -15.48
CA LYS B 58 1.98 -18.30 -16.37
C LYS B 58 1.42 -16.93 -16.01
N ALA B 59 1.52 -16.52 -14.73
CA ALA B 59 0.91 -15.26 -14.30
C ALA B 59 1.84 -14.07 -14.54
N GLY B 60 3.01 -14.33 -15.10
CA GLY B 60 3.91 -13.22 -15.51
C GLY B 60 4.95 -12.91 -14.46
N ASP B 61 5.62 -11.79 -14.67
CA ASP B 61 6.72 -11.26 -13.85
C ASP B 61 6.17 -11.03 -12.44
N ILE B 62 6.97 -11.34 -11.42
CA ILE B 62 6.55 -11.17 -10.02
C ILE B 62 7.22 -9.93 -9.44
N TYR B 63 6.41 -8.98 -9.00
CA TYR B 63 6.87 -7.74 -8.35
C TYR B 63 6.96 -7.99 -6.86
N ILE B 64 8.09 -7.68 -6.25
CA ILE B 64 8.29 -7.85 -4.81
C ILE B 64 8.72 -6.52 -4.26
N ILE B 65 8.10 -6.08 -3.18
CA ILE B 65 8.59 -4.91 -2.46
CA ILE B 65 8.45 -4.86 -2.42
C ILE B 65 8.81 -5.28 -0.99
N ALA B 66 10.01 -5.04 -0.54
CA ALA B 66 10.46 -5.43 0.81
C ALA B 66 10.79 -4.17 1.61
N ASP B 67 10.35 -4.13 2.86
CA ASP B 67 10.49 -2.98 3.74
C ASP B 67 11.35 -3.31 4.98
N PHE B 68 12.29 -2.46 5.29
CA PHE B 68 13.19 -2.65 6.42
C PHE B 68 12.92 -1.61 7.50
N SER B 69 13.32 -1.92 8.71
CA SER B 69 13.16 -1.14 9.97
CA SER B 69 12.94 -1.02 9.82
C SER B 69 13.88 0.19 9.86
N GLY B 70 15.02 0.20 9.19
CA GLY B 70 15.83 1.42 9.39
C GLY B 70 16.80 1.66 8.27
N ALA B 71 17.24 2.91 8.13
CA ALA B 71 18.14 3.35 7.05
C ALA B 71 19.57 2.86 7.29
N PHE B 72 20.29 2.53 6.21
CA PHE B 72 21.77 2.36 6.16
C PHE B 72 22.28 1.05 6.69
N ILE B 73 21.85 0.67 7.89
CA ILE B 73 22.49 -0.40 8.66
C ILE B 73 22.35 -1.70 7.89
N THR B 74 23.44 -2.43 7.88
CA THR B 74 23.54 -3.73 7.17
C THR B 74 22.60 -4.71 7.85
N ASP B 75 22.32 -4.50 9.15
CA ASP B 75 21.54 -5.45 9.99
C ASP B 75 20.12 -4.94 10.28
N ALA B 76 19.60 -3.95 9.60
CA ALA B 76 18.16 -3.65 9.69
C ALA B 76 17.39 -4.90 9.33
N VAL B 77 16.29 -5.20 10.00
CA VAL B 77 15.43 -6.40 9.81
CA VAL B 77 15.56 -6.44 9.58
C VAL B 77 14.26 -6.07 8.86
N LEU B 78 13.83 -7.06 8.09
CA LEU B 78 12.61 -6.90 7.31
C LEU B 78 11.43 -6.74 8.25
N CYS B 79 10.56 -5.79 8.00
CA CYS B 79 9.33 -5.65 8.81
CA CYS B 79 9.30 -5.55 8.75
C CYS B 79 8.09 -6.06 8.00
N SER B 80 8.18 -6.07 6.68
CA SER B 80 7.02 -6.36 5.80
C SER B 80 7.53 -6.65 4.41
N TRP B 81 6.68 -7.28 3.64
CA TRP B 81 6.94 -7.49 2.21
C TRP B 81 5.60 -7.69 1.56
N ARG B 82 5.62 -7.59 0.25
CA ARG B 82 4.44 -7.97 -0.55
C ARG B 82 4.85 -8.36 -1.95
N PHE B 83 4.06 -9.21 -2.60
CA PHE B 83 4.36 -9.57 -3.98
C PHE B 83 3.12 -9.93 -4.73
N ALA B 84 3.25 -9.89 -6.05
CA ALA B 84 2.18 -10.36 -6.95
C ALA B 84 2.76 -10.60 -8.32
N PRO B 85 2.22 -11.56 -9.07
CA PRO B 85 2.53 -11.68 -10.49
C PRO B 85 1.73 -10.66 -11.28
N GLU B 86 2.34 -10.17 -12.38
CA GLU B 86 1.81 -9.08 -13.18
C GLU B 86 0.34 -9.28 -13.49
N LYS B 87 -0.04 -10.48 -13.97
CA LYS B 87 -1.40 -10.70 -14.48
C LYS B 87 -2.48 -10.62 -13.43
N LEU B 88 -2.09 -10.74 -12.16
CA LEU B 88 -3.02 -10.77 -11.04
C LEU B 88 -2.94 -9.49 -10.20
N MET B 89 -2.05 -8.57 -10.49
CA MET B 89 -1.77 -7.47 -9.59
C MET B 89 -2.72 -6.30 -9.84
N MET B 90 -3.11 -5.99 -11.05
CA MET B 90 -3.75 -4.68 -11.35
C MET B 90 -5.21 -4.89 -11.65
N GLY B 91 -6.04 -4.03 -11.13
CA GLY B 91 -7.47 -4.01 -11.50
C GLY B 91 -8.30 -3.35 -10.41
N ILE B 92 -9.54 -3.05 -10.70
CA ILE B 92 -10.47 -2.39 -9.80
C ILE B 92 -11.12 -3.50 -8.96
N GLN B 93 -11.13 -3.27 -7.69
CA GLN B 93 -11.91 -4.09 -6.75
C GLN B 93 -12.57 -3.04 -5.87
N LYS B 94 -13.88 -3.14 -5.64
CA LYS B 94 -14.60 -2.07 -4.88
CA LYS B 94 -14.62 -2.08 -4.89
C LYS B 94 -14.75 -2.33 -3.38
N LYS B 95 -14.55 -3.55 -2.95
CA LYS B 95 -14.69 -3.93 -1.54
C LYS B 95 -13.39 -4.59 -1.09
N VAL B 96 -13.24 -4.78 0.18
CA VAL B 96 -12.02 -5.40 0.76
C VAL B 96 -11.82 -6.78 0.15
N GLU B 97 -12.90 -7.52 -0.05
CA GLU B 97 -12.80 -8.82 -0.71
C GLU B 97 -13.46 -8.76 -2.07
N GLY B 98 -12.82 -9.32 -3.07
CA GLY B 98 -13.34 -9.33 -4.42
C GLY B 98 -12.44 -10.17 -5.33
N ALA B 99 -12.60 -9.98 -6.62
CA ALA B 99 -11.95 -10.90 -7.58
C ALA B 99 -10.44 -10.82 -7.49
N ILE B 100 -9.87 -9.64 -7.28
CA ILE B 100 -8.41 -9.52 -7.30
C ILE B 100 -7.82 -10.30 -6.12
N THR B 101 -8.35 -10.08 -4.92
CA THR B 101 -7.81 -10.83 -3.77
C THR B 101 -8.12 -12.34 -3.87
N LYS B 102 -9.33 -12.70 -4.31
CA LYS B 102 -9.68 -14.12 -4.50
C LYS B 102 -8.72 -14.79 -5.48
N ASN B 103 -8.41 -14.11 -6.58
CA ASN B 103 -7.57 -14.73 -7.62
C ASN B 103 -6.12 -14.84 -7.15
N LEU B 104 -5.69 -13.92 -6.30
CA LEU B 104 -4.35 -14.04 -5.71
C LEU B 104 -4.29 -15.27 -4.77
N ARG B 105 -5.31 -15.44 -3.94
CA ARG B 105 -5.28 -16.60 -3.03
C ARG B 105 -5.32 -17.92 -3.83
N THR B 106 -6.13 -17.99 -4.87
CA THR B 106 -6.22 -19.18 -5.77
C THR B 106 -4.83 -19.51 -6.31
N TRP B 107 -4.21 -18.52 -6.90
CA TRP B 107 -2.87 -18.69 -7.49
C TRP B 107 -1.87 -19.18 -6.45
N PHE B 108 -1.85 -18.54 -5.26
CA PHE B 108 -0.90 -18.90 -4.23
C PHE B 108 -1.15 -20.34 -3.76
N TYR B 109 -2.41 -20.70 -3.66
CA TYR B 109 -2.78 -22.06 -3.22
C TYR B 109 -2.30 -23.08 -4.27
N GLU B 110 -2.48 -22.77 -5.56
CA GLU B 110 -2.01 -23.65 -6.66
CA GLU B 110 -2.01 -23.69 -6.64
C GLU B 110 -0.49 -23.87 -6.50
N LYS B 111 0.25 -22.80 -6.19
CA LYS B 111 1.73 -22.79 -6.14
C LYS B 111 2.23 -23.52 -4.90
N THR B 112 1.57 -23.40 -3.73
CA THR B 112 2.20 -23.76 -2.44
C THR B 112 1.36 -24.77 -1.62
N HIS B 113 0.10 -25.01 -1.99
CA HIS B 113 -0.83 -25.82 -1.15
C HIS B 113 -1.13 -25.11 0.16
N ILE B 114 -0.91 -23.81 0.23
CA ILE B 114 -1.22 -23.03 1.44
C ILE B 114 -2.41 -22.15 1.12
N GLN B 115 -3.48 -22.29 1.89
CA GLN B 115 -4.64 -21.42 1.84
C GLN B 115 -4.44 -20.20 2.73
N LEU B 116 -4.29 -19.01 2.14
CA LEU B 116 -4.18 -17.78 2.95
C LEU B 116 -5.55 -17.44 3.48
N PRO B 117 -5.63 -16.66 4.57
CA PRO B 117 -4.51 -16.14 5.33
C PRO B 117 -3.78 -17.14 6.23
N VAL B 118 -2.56 -16.80 6.59
CA VAL B 118 -1.81 -17.51 7.65
C VAL B 118 -1.22 -16.47 8.60
N SER B 119 -1.04 -16.88 9.85
CA SER B 119 -0.57 -15.95 10.87
C SER B 119 -0.03 -16.71 12.08
N GLY B 120 0.59 -15.95 12.98
CA GLY B 120 1.07 -16.44 14.28
C GLY B 120 1.69 -15.34 15.05
N SER B 121 2.49 -15.70 16.03
CA SER B 121 3.18 -14.69 16.84
C SER B 121 4.12 -13.85 16.00
N TRP B 122 4.53 -14.37 14.85
CA TRP B 122 5.50 -13.73 13.94
C TRP B 122 4.86 -12.65 13.08
N GLY B 123 3.57 -12.67 12.82
CA GLY B 123 2.98 -11.79 11.81
C GLY B 123 1.79 -12.37 11.14
N HIS B 124 1.49 -11.85 9.97
CA HIS B 124 0.26 -12.16 9.25
C HIS B 124 0.50 -11.99 7.75
N ILE B 125 0.07 -12.99 6.96
CA ILE B 125 0.16 -12.96 5.49
C ILE B 125 -1.20 -13.18 4.89
N ASP B 126 -1.63 -12.31 4.01
CA ASP B 126 -2.86 -12.49 3.25
C ASP B 126 -2.83 -11.66 1.99
N ALA B 127 -3.62 -12.09 1.04
CA ALA B 127 -3.92 -11.24 -0.13
C ALA B 127 -4.69 -10.02 0.35
N ALA B 128 -4.38 -8.86 -0.18
CA ALA B 128 -5.00 -7.61 0.16
C ALA B 128 -4.96 -6.67 -1.01
N TYR B 129 -5.97 -5.79 -1.05
CA TYR B 129 -6.06 -4.77 -2.12
C TYR B 129 -5.70 -3.39 -1.64
N ASP B 130 -4.93 -2.69 -2.46
CA ASP B 130 -4.53 -1.29 -2.18
C ASP B 130 -5.46 -0.40 -3.01
N PRO B 131 -6.42 0.29 -2.41
CA PRO B 131 -7.41 1.06 -3.12
C PRO B 131 -6.91 2.42 -3.57
N HIS B 132 -5.73 2.78 -3.18
CA HIS B 132 -5.07 3.98 -3.71
C HIS B 132 -4.41 3.65 -5.03
N ASN B 133 -3.72 2.56 -5.10
CA ASN B 133 -2.97 2.19 -6.30
C ASN B 133 -3.70 1.24 -7.22
N LEU B 134 -4.85 0.71 -6.84
CA LEU B 134 -5.64 -0.21 -7.63
C LEU B 134 -4.80 -1.45 -7.91
N THR B 135 -4.21 -2.00 -6.88
CA THR B 135 -3.35 -3.18 -7.00
C THR B 135 -3.72 -4.16 -5.89
N GLY B 136 -3.59 -5.41 -6.17
CA GLY B 136 -3.62 -6.46 -5.14
C GLY B 136 -2.28 -7.15 -5.03
N THR B 137 -1.94 -7.52 -3.82
CA THR B 137 -0.72 -8.23 -3.55
C THR B 137 -0.92 -9.22 -2.39
N ILE B 138 0.00 -10.14 -2.27
CA ILE B 138 0.15 -11.00 -1.07
C ILE B 138 1.02 -10.23 -0.10
N VAL B 139 0.45 -9.82 1.01
CA VAL B 139 1.04 -8.87 1.95
C VAL B 139 1.43 -9.58 3.22
N CYS B 140 2.65 -9.39 3.68
CA CYS B 140 3.10 -9.86 4.98
C CYS B 140 3.43 -8.67 5.85
N ASN B 141 2.77 -8.63 7.02
CA ASN B 141 3.14 -7.72 8.13
C ASN B 141 3.82 -8.57 9.22
N TYR B 142 5.06 -8.42 9.48
CA TYR B 142 5.73 -9.11 10.58
C TYR B 142 5.53 -8.27 11.86
N ARG B 143 5.75 -8.93 13.00
CA ARG B 143 5.59 -8.31 14.31
C ARG B 143 6.40 -7.02 14.38
N SER B 144 7.55 -6.97 13.74
CA SER B 144 8.41 -5.75 13.81
C SER B 144 7.83 -4.59 13.03
N ALA B 145 6.78 -4.78 12.24
CA ALA B 145 6.08 -3.66 11.61
C ALA B 145 5.20 -2.88 12.60
N PHE B 146 4.99 -3.40 13.80
CA PHE B 146 4.13 -2.79 14.82
C PHE B 146 5.03 -2.17 15.87
N HIS B 147 4.90 -0.88 16.06
CA HIS B 147 5.82 -0.16 16.97
C HIS B 147 5.34 -0.31 18.42
N THR B 148 4.09 -0.66 18.65
CA THR B 148 3.55 -0.89 20.01
C THR B 148 2.89 -2.24 20.09
N GLU B 149 2.94 -2.80 21.30
CA GLU B 149 2.19 -4.01 21.62
C GLU B 149 0.70 -3.84 21.46
N ASP B 150 0.17 -2.67 21.79
CA ASP B 150 -1.31 -2.53 21.67
CA ASP B 150 -1.28 -2.38 21.67
C ASP B 150 -1.70 -2.49 20.20
N GLU B 151 -0.89 -1.86 19.36
N GLU B 151 -0.91 -1.86 19.30
CA GLU B 151 -1.18 -1.87 17.92
CA GLU B 151 -1.26 -1.87 17.85
C GLU B 151 -1.24 -3.31 17.42
C GLU B 151 -1.25 -3.34 17.38
N TRP B 152 -0.26 -4.12 17.79
CA TRP B 152 -0.21 -5.55 17.41
C TRP B 152 -1.45 -6.27 17.94
N ARG B 153 -1.82 -6.08 19.22
CA ARG B 153 -2.96 -6.87 19.75
C ARG B 153 -4.26 -6.43 19.06
N LYS B 154 -4.44 -5.14 18.78
CA LYS B 154 -5.65 -4.68 18.11
C LYS B 154 -5.68 -5.25 16.70
N TYR B 155 -4.57 -5.26 16.01
CA TYR B 155 -4.51 -5.83 14.67
C TYR B 155 -4.89 -7.29 14.71
N CYS B 156 -4.36 -8.02 15.71
CA CYS B 156 -4.68 -9.45 15.84
C CYS B 156 -6.20 -9.65 15.99
N LYS B 157 -6.84 -8.84 16.82
CA LYS B 157 -8.30 -9.01 17.02
C LYS B 157 -9.00 -8.69 15.71
N ARG B 158 -8.66 -7.59 15.04
CA ARG B 158 -9.37 -7.14 13.83
C ARG B 158 -9.22 -8.19 12.72
N ASN B 159 -8.06 -8.86 12.68
CA ASN B 159 -7.69 -9.73 11.55
C ASN B 159 -7.72 -11.20 11.92
N ASN B 160 -8.38 -11.54 13.05
CA ASN B 160 -8.66 -12.96 13.38
C ASN B 160 -7.38 -13.74 13.51
N ILE B 161 -6.38 -13.20 14.22
CA ILE B 161 -5.08 -13.87 14.47
C ILE B 161 -5.11 -14.39 15.87
N ILE B 162 -4.76 -15.67 16.04
CA ILE B 162 -4.81 -16.35 17.37
C ILE B 162 -3.55 -17.21 17.52
N TYR B 163 -2.82 -17.05 18.65
CA TYR B 163 -1.62 -17.86 19.02
C TYR B 163 -1.50 -17.93 20.57
BR BR C . -15.77 -3.93 2.21
BR BR D . 3.44 3.60 13.10
C1 BTB E . -26.85 7.10 8.58
O1 BTB E . -27.90 8.06 8.40
C2 BTB E . -25.52 7.84 8.66
C3 BTB E . -25.57 8.76 9.89
O3 BTB E . -24.28 8.98 10.40
C4 BTB E . -24.36 6.85 8.80
O4 BTB E . -24.45 6.21 10.01
N BTB E . -25.41 8.62 7.40
C5 BTB E . -24.50 9.86 7.36
C6 BTB E . -25.27 11.05 6.94
O6 BTB E . -26.39 11.30 7.78
C7 BTB E . -25.13 7.88 6.14
C8 BTB E . -25.47 8.63 4.88
O8 BTB E . -26.87 8.87 4.82
BR BR F . -4.67 -3.82 23.47
BR BR G . -2.92 -16.28 -14.20
BR BR H . 6.55 -2.96 20.05
BR BR I . -15.39 -5.93 -5.21
#